data_1N5L
#
_entry.id   1N5L
#
_cell.length_a   64.454
_cell.length_b   64.454
_cell.length_c   195.899
_cell.angle_alpha   90.00
_cell.angle_beta   90.00
_cell.angle_gamma   120.00
#
_symmetry.space_group_name_H-M   'P 31 2 1'
#
loop_
_entity.id
_entity.type
_entity.pdbx_description
1 polymer 'THYMIDYLATE KINASE'
2 non-polymer 'ACETATE ION'
3 non-polymer "THYMIDINE-5'-PHOSPHATE"
4 non-polymer 'MAGNESIUM ION'
5 non-polymer "THYMIDINE-5'-DIPHOSPHATE"
6 non-polymer DIPHOSPHATE
7 water water
#
_entity_poly.entity_id   1
_entity_poly.type   'polypeptide(L)'
_entity_poly.pdbx_seq_one_letter_code
;MLIAIEGVDGAGKRTLVEKLSGAFRAAGRSVATLAFPRYGQSVAADIAAEALHGEHGDLASSVYAMATLFALDRAGAVHT
IQGLCRGYDVVILDRYVASNAAYSAARLHENAAGKAAAWVQRIEFARLGLPKPDWQVLLAVSAELAGERSRGRAQRDPGR
ARDNYERDAELQQRTGAVYAELAAQGWGGRWLVVGADVDPGRLAATLAPPDVPS
;
_entity_poly.pdbx_strand_id   A,B
#
loop_
_chem_comp.id
_chem_comp.type
_chem_comp.name
_chem_comp.formula
ACT non-polymer 'ACETATE ION' 'C2 H3 O2 -1'
DPO non-polymer DIPHOSPHATE 'O7 P2 -4'
MG non-polymer 'MAGNESIUM ION' 'Mg 2'
TMP non-polymer THYMIDINE-5'-PHOSPHATE 'C10 H15 N2 O8 P'
TYD non-polymer THYMIDINE-5'-DIPHOSPHATE 'C10 H16 N2 O11 P2'
#
# COMPACT_ATOMS: atom_id res chain seq x y z
N MET A 1 0.22 28.94 -4.68
CA MET A 1 -0.51 28.68 -3.43
C MET A 1 -1.25 27.36 -3.51
N LEU A 2 -1.12 26.54 -2.48
CA LEU A 2 -1.78 25.24 -2.44
C LEU A 2 -2.88 25.30 -1.41
N ILE A 3 -4.11 25.04 -1.84
CA ILE A 3 -5.26 25.07 -0.96
C ILE A 3 -6.00 23.76 -0.95
N ALA A 4 -6.34 23.29 0.25
CA ALA A 4 -7.08 22.04 0.39
C ALA A 4 -8.43 22.33 1.01
N ILE A 5 -9.48 21.77 0.41
CA ILE A 5 -10.83 21.93 0.90
C ILE A 5 -11.16 20.61 1.58
N GLU A 6 -11.45 20.67 2.88
CA GLU A 6 -11.74 19.46 3.65
C GLU A 6 -13.17 19.46 4.16
N GLY A 7 -13.65 18.28 4.54
CA GLY A 7 -15.00 18.18 5.04
C GLY A 7 -15.56 16.79 4.87
N VAL A 8 -16.59 16.47 5.65
CA VAL A 8 -17.23 15.17 5.60
C VAL A 8 -18.09 15.07 4.35
N ASP A 9 -18.56 13.86 4.04
CA ASP A 9 -19.39 13.64 2.87
C ASP A 9 -20.67 14.46 3.01
N GLY A 10 -21.05 15.14 1.93
CA GLY A 10 -22.25 15.95 1.95
C GLY A 10 -22.04 17.40 2.38
N ALA A 11 -20.79 17.77 2.63
CA ALA A 11 -20.48 19.14 3.04
C ALA A 11 -20.62 20.14 1.89
N GLY A 12 -20.42 19.66 0.65
CA GLY A 12 -20.51 20.53 -0.50
C GLY A 12 -19.14 21.04 -0.93
N LYS A 13 -18.15 20.17 -0.88
CA LYS A 13 -16.79 20.54 -1.25
C LYS A 13 -16.61 20.89 -2.73
N ARG A 14 -17.25 20.13 -3.61
CA ARG A 14 -17.15 20.38 -5.05
C ARG A 14 -17.66 21.77 -5.38
N THR A 15 -18.83 22.10 -4.86
CA THR A 15 -19.46 23.40 -5.08
C THR A 15 -18.55 24.53 -4.62
N LEU A 16 -17.96 24.37 -3.43
CA LEU A 16 -17.06 25.37 -2.90
C LEU A 16 -15.80 25.45 -3.75
N VAL A 17 -15.29 24.31 -4.20
CA VAL A 17 -14.11 24.29 -5.06
C VAL A 17 -14.42 25.15 -6.28
N GLU A 18 -15.57 24.90 -6.90
CA GLU A 18 -16.00 25.65 -8.09
C GLU A 18 -16.08 27.17 -7.86
N LYS A 19 -16.76 27.57 -6.79
CA LYS A 19 -16.92 29.00 -6.48
C LYS A 19 -15.61 29.69 -6.17
N LEU A 20 -14.79 29.05 -5.33
CA LEU A 20 -13.51 29.63 -4.96
C LEU A 20 -12.64 29.83 -6.22
N SER A 21 -12.61 28.82 -7.09
CA SER A 21 -11.83 28.91 -8.33
C SER A 21 -12.28 30.11 -9.17
N GLY A 22 -13.58 30.23 -9.38
CA GLY A 22 -14.11 31.36 -10.15
C GLY A 22 -13.70 32.68 -9.50
N ALA A 23 -13.75 32.73 -8.18
CA ALA A 23 -13.37 33.94 -7.47
C ALA A 23 -11.91 34.30 -7.74
N PHE A 24 -11.01 33.32 -7.62
CA PHE A 24 -9.58 33.55 -7.87
C PHE A 24 -9.35 33.99 -9.31
N ARG A 25 -10.00 33.32 -10.24
CA ARG A 25 -9.87 33.66 -11.65
C ARG A 25 -10.29 35.11 -11.88
N ALA A 26 -11.42 35.51 -11.29
CA ALA A 26 -11.91 36.88 -11.44
C ALA A 26 -10.91 37.85 -10.86
N ALA A 27 -10.08 37.39 -9.92
CA ALA A 27 -9.09 38.25 -9.31
C ALA A 27 -7.80 38.25 -10.12
N GLY A 28 -7.82 37.62 -11.28
CA GLY A 28 -6.62 37.58 -12.11
C GLY A 28 -5.59 36.54 -11.71
N ARG A 29 -6.05 35.36 -11.33
CA ARG A 29 -5.13 34.28 -10.96
C ARG A 29 -5.55 32.99 -11.66
N SER A 30 -4.56 32.19 -12.05
CA SER A 30 -4.83 30.92 -12.69
C SER A 30 -5.11 29.89 -11.60
N VAL A 31 -6.04 28.98 -11.88
CA VAL A 31 -6.42 27.96 -10.93
C VAL A 31 -6.56 26.57 -11.50
N ALA A 32 -5.97 25.59 -10.82
CA ALA A 32 -6.08 24.19 -11.20
C ALA A 32 -6.61 23.43 -10.00
N THR A 33 -7.38 22.38 -10.23
CA THR A 33 -7.94 21.59 -9.16
C THR A 33 -7.71 20.10 -9.35
N LEU A 34 -7.66 19.37 -8.24
CA LEU A 34 -7.42 17.94 -8.26
C LEU A 34 -8.21 17.35 -7.08
N ALA A 35 -8.82 16.18 -7.28
CA ALA A 35 -9.62 15.53 -6.23
C ALA A 35 -9.05 14.19 -5.74
N PHE A 36 -9.21 13.94 -4.45
CA PHE A 36 -8.75 12.71 -3.82
C PHE A 36 -9.91 12.07 -3.05
N PRO A 37 -9.99 10.73 -3.03
CA PRO A 37 -9.10 9.75 -3.68
C PRO A 37 -9.23 9.81 -5.19
N ARG A 38 -8.17 9.47 -5.91
CA ARG A 38 -8.22 9.48 -7.36
C ARG A 38 -8.81 8.18 -7.93
N TYR A 39 -10.08 7.92 -7.64
CA TYR A 39 -10.71 6.71 -8.14
C TYR A 39 -10.57 6.64 -9.65
N GLY A 40 -10.24 5.45 -10.16
CA GLY A 40 -10.10 5.27 -11.60
C GLY A 40 -8.70 5.54 -12.13
N GLN A 41 -7.88 6.27 -11.38
CA GLN A 41 -6.53 6.58 -11.80
C GLN A 41 -5.49 5.95 -10.90
N SER A 42 -5.92 5.44 -9.75
CA SER A 42 -5.00 4.83 -8.81
C SER A 42 -5.45 3.47 -8.32
N VAL A 43 -4.52 2.51 -8.30
CA VAL A 43 -4.83 1.17 -7.85
C VAL A 43 -5.09 1.18 -6.36
N ALA A 44 -4.25 1.91 -5.62
CA ALA A 44 -4.40 2.01 -4.17
C ALA A 44 -5.78 2.62 -3.89
N ALA A 45 -6.13 3.66 -4.64
CA ALA A 45 -7.43 4.30 -4.43
C ALA A 45 -8.58 3.34 -4.73
N ASP A 46 -8.51 2.65 -5.86
CA ASP A 46 -9.57 1.70 -6.25
C ASP A 46 -9.71 0.53 -5.28
N ILE A 47 -8.59 -0.05 -4.85
CA ILE A 47 -8.65 -1.17 -3.91
C ILE A 47 -9.29 -0.67 -2.60
N ALA A 48 -8.97 0.56 -2.22
CA ALA A 48 -9.52 1.15 -0.99
C ALA A 48 -11.04 1.26 -1.09
N ALA A 49 -11.53 1.78 -2.20
CA ALA A 49 -12.97 1.92 -2.41
C ALA A 49 -13.61 0.54 -2.38
N GLU A 50 -13.03 -0.38 -3.14
CA GLU A 50 -13.51 -1.75 -3.19
C GLU A 50 -13.54 -2.36 -1.79
N ALA A 51 -12.49 -2.12 -1.01
CA ALA A 51 -12.43 -2.64 0.35
C ALA A 51 -13.57 -2.04 1.18
N LEU A 52 -13.86 -0.77 0.92
CA LEU A 52 -14.93 -0.09 1.63
C LEU A 52 -16.30 -0.63 1.25
N HIS A 53 -16.37 -1.41 0.17
CA HIS A 53 -17.62 -2.01 -0.26
C HIS A 53 -17.67 -3.50 0.09
N GLY A 54 -16.80 -3.92 1.01
CA GLY A 54 -16.79 -5.30 1.43
C GLY A 54 -15.87 -6.26 0.70
N GLU A 55 -15.07 -5.77 -0.22
CA GLU A 55 -14.16 -6.63 -0.96
C GLU A 55 -12.80 -6.71 -0.27
N HIS A 56 -11.95 -7.62 -0.74
CA HIS A 56 -10.60 -7.80 -0.21
C HIS A 56 -10.55 -8.23 1.26
N GLY A 57 -11.33 -9.26 1.58
CA GLY A 57 -11.36 -9.82 2.92
C GLY A 57 -11.41 -8.89 4.12
N ASP A 58 -10.37 -8.94 4.94
CA ASP A 58 -10.31 -8.14 6.15
C ASP A 58 -9.53 -6.83 6.01
N LEU A 59 -9.25 -6.41 4.78
CA LEU A 59 -8.49 -5.18 4.58
C LEU A 59 -9.10 -3.96 5.27
N ALA A 60 -10.38 -3.71 5.05
CA ALA A 60 -11.05 -2.55 5.64
C ALA A 60 -11.12 -2.59 7.16
N SER A 61 -10.96 -3.76 7.76
CA SER A 61 -11.03 -3.86 9.21
C SER A 61 -9.85 -3.15 9.87
N SER A 62 -8.82 -2.85 9.08
CA SER A 62 -7.64 -2.15 9.58
C SER A 62 -7.67 -0.67 9.25
N VAL A 63 -7.63 0.16 10.29
CA VAL A 63 -7.64 1.61 10.14
C VAL A 63 -6.38 2.08 9.43
N TYR A 64 -5.22 1.63 9.92
CA TYR A 64 -3.95 2.04 9.32
C TYR A 64 -3.75 1.52 7.90
N ALA A 65 -4.30 0.35 7.58
CA ALA A 65 -4.17 -0.19 6.23
C ALA A 65 -4.95 0.72 5.26
N MET A 66 -6.19 1.04 5.63
CA MET A 66 -7.01 1.92 4.81
C MET A 66 -6.28 3.25 4.66
N ALA A 67 -5.76 3.75 5.79
CA ALA A 67 -5.04 5.02 5.79
C ALA A 67 -3.82 4.96 4.87
N THR A 68 -3.09 3.85 4.90
CA THR A 68 -1.92 3.70 4.07
C THR A 68 -2.27 3.72 2.58
N LEU A 69 -3.41 3.14 2.22
CA LEU A 69 -3.84 3.11 0.81
C LEU A 69 -4.15 4.49 0.26
N PHE A 70 -4.88 5.29 1.04
CA PHE A 70 -5.24 6.63 0.63
C PHE A 70 -3.95 7.46 0.53
N ALA A 71 -3.02 7.21 1.43
CA ALA A 71 -1.74 7.94 1.42
C ALA A 71 -0.91 7.52 0.21
N LEU A 72 -0.90 6.23 -0.12
CA LEU A 72 -0.14 5.76 -1.27
C LEU A 72 -0.75 6.33 -2.55
N ASP A 73 -2.06 6.55 -2.53
CA ASP A 73 -2.74 7.13 -3.68
C ASP A 73 -2.24 8.57 -3.84
N ARG A 74 -2.15 9.30 -2.73
CA ARG A 74 -1.67 10.66 -2.82
C ARG A 74 -0.20 10.69 -3.24
N ALA A 75 0.59 9.73 -2.75
CA ALA A 75 2.00 9.66 -3.10
C ALA A 75 2.15 9.55 -4.62
N GLY A 76 1.27 8.78 -5.24
CA GLY A 76 1.33 8.61 -6.68
C GLY A 76 0.98 9.88 -7.42
N ALA A 77 0.47 10.88 -6.71
CA ALA A 77 0.09 12.15 -7.33
C ALA A 77 1.06 13.30 -7.04
N VAL A 78 2.17 13.02 -6.36
CA VAL A 78 3.12 14.08 -6.04
C VAL A 78 3.60 14.83 -7.27
N HIS A 79 4.01 14.08 -8.31
CA HIS A 79 4.50 14.70 -9.52
C HIS A 79 3.43 15.55 -10.18
N THR A 80 2.17 15.11 -10.08
CA THR A 80 1.08 15.87 -10.66
C THR A 80 0.87 17.16 -9.88
N ILE A 81 0.94 17.08 -8.56
CA ILE A 81 0.75 18.26 -7.72
C ILE A 81 1.86 19.26 -7.92
N GLN A 82 3.09 18.77 -7.99
CA GLN A 82 4.23 19.64 -8.18
C GLN A 82 4.17 20.31 -9.55
N GLY A 83 3.62 19.62 -10.53
CA GLY A 83 3.49 20.22 -11.85
C GLY A 83 2.47 21.36 -11.81
N LEU A 84 1.35 21.13 -11.14
CA LEU A 84 0.32 22.18 -11.04
C LEU A 84 0.85 23.39 -10.29
N CYS A 85 1.55 23.15 -9.18
CA CYS A 85 2.10 24.22 -8.37
C CYS A 85 3.11 25.09 -9.12
N ARG A 86 3.73 24.51 -10.14
CA ARG A 86 4.68 25.26 -10.95
C ARG A 86 3.94 26.00 -12.06
N GLY A 87 2.84 25.43 -12.53
CA GLY A 87 2.11 26.03 -13.64
C GLY A 87 1.01 27.01 -13.31
N TYR A 88 0.39 26.87 -12.14
CA TYR A 88 -0.71 27.72 -11.72
C TYR A 88 -0.48 28.50 -10.43
N ASP A 89 -1.10 29.68 -10.35
CA ASP A 89 -0.96 30.52 -9.16
C ASP A 89 -1.63 29.85 -7.95
N VAL A 90 -2.75 29.18 -8.21
CA VAL A 90 -3.50 28.54 -7.15
C VAL A 90 -3.87 27.11 -7.54
N VAL A 91 -3.58 26.18 -6.63
CA VAL A 91 -3.91 24.78 -6.82
C VAL A 91 -4.85 24.41 -5.66
N ILE A 92 -6.09 24.04 -6.00
CA ILE A 92 -7.09 23.68 -4.99
C ILE A 92 -7.34 22.18 -5.00
N LEU A 93 -7.12 21.54 -3.85
CA LEU A 93 -7.31 20.12 -3.71
C LEU A 93 -8.60 19.77 -2.97
N ASP A 94 -9.48 19.05 -3.65
CA ASP A 94 -10.74 18.63 -3.04
C ASP A 94 -10.38 17.38 -2.23
N ARG A 95 -10.20 17.58 -0.92
CA ARG A 95 -9.81 16.54 0.01
C ARG A 95 -8.31 16.34 -0.13
N TYR A 96 -7.61 16.37 1.00
CA TYR A 96 -6.16 16.17 1.01
C TYR A 96 -5.73 15.36 2.24
N VAL A 97 -4.50 15.57 2.69
CA VAL A 97 -3.94 14.82 3.81
C VAL A 97 -4.73 14.86 5.13
N ALA A 98 -5.41 15.97 5.43
CA ALA A 98 -6.18 16.08 6.67
C ALA A 98 -7.34 15.09 6.72
N SER A 99 -7.82 14.68 5.55
CA SER A 99 -8.93 13.72 5.47
C SER A 99 -8.54 12.39 6.08
N ASN A 100 -7.27 12.04 5.93
CA ASN A 100 -6.76 10.78 6.44
C ASN A 100 -6.67 10.84 7.97
N ALA A 101 -6.20 11.98 8.47
CA ALA A 101 -6.08 12.17 9.91
C ALA A 101 -7.47 12.16 10.53
N ALA A 102 -8.41 12.87 9.93
CA ALA A 102 -9.77 12.95 10.45
C ALA A 102 -10.49 11.62 10.47
N TYR A 103 -10.52 10.92 9.34
CA TYR A 103 -11.21 9.63 9.28
C TYR A 103 -10.53 8.54 10.10
N SER A 104 -9.21 8.50 10.11
CA SER A 104 -8.49 7.48 10.86
C SER A 104 -8.70 7.67 12.36
N ALA A 105 -8.53 8.90 12.83
CA ALA A 105 -8.74 9.19 14.25
C ALA A 105 -10.19 8.87 14.62
N ALA A 106 -11.14 9.30 13.80
CA ALA A 106 -12.55 9.05 14.06
C ALA A 106 -12.85 7.55 14.17
N ARG A 107 -12.25 6.75 13.29
CA ARG A 107 -12.47 5.30 13.33
C ARG A 107 -11.92 4.68 14.62
N LEU A 108 -10.85 5.27 15.14
CA LEU A 108 -10.21 4.78 16.36
C LEU A 108 -10.71 5.47 17.64
N HIS A 109 -11.67 6.38 17.50
CA HIS A 109 -12.21 7.12 18.64
C HIS A 109 -11.12 7.96 19.32
N GLU A 110 -10.20 8.46 18.52
CA GLU A 110 -9.12 9.30 19.01
C GLU A 110 -9.48 10.74 18.66
N ASN A 111 -8.67 11.69 19.13
CA ASN A 111 -8.90 13.09 18.82
C ASN A 111 -7.75 13.65 17.97
N ALA A 112 -7.90 14.87 17.47
CA ALA A 112 -6.88 15.48 16.65
C ALA A 112 -5.50 15.53 17.27
N ALA A 113 -5.42 15.35 18.58
CA ALA A 113 -4.12 15.41 19.22
C ALA A 113 -3.55 14.02 19.45
N GLY A 114 -4.30 13.01 19.00
CA GLY A 114 -3.90 11.62 19.16
C GLY A 114 -2.83 11.07 18.23
N LYS A 115 -2.57 9.78 18.39
CA LYS A 115 -1.55 9.05 17.63
C LYS A 115 -1.74 8.99 16.12
N ALA A 116 -2.92 8.57 15.67
CA ALA A 116 -3.22 8.45 14.25
C ALA A 116 -3.00 9.73 13.46
N ALA A 117 -3.48 10.86 13.98
CA ALA A 117 -3.31 12.14 13.29
C ALA A 117 -1.84 12.52 13.21
N ALA A 118 -1.08 12.18 14.24
CA ALA A 118 0.36 12.49 14.24
C ALA A 118 1.05 11.56 13.24
N TRP A 119 0.58 10.32 13.19
CA TRP A 119 1.13 9.31 12.30
C TRP A 119 0.95 9.76 10.84
N VAL A 120 -0.25 10.24 10.51
CA VAL A 120 -0.54 10.70 9.16
C VAL A 120 0.43 11.79 8.68
N GLN A 121 0.77 12.69 9.61
CA GLN A 121 1.68 13.78 9.31
C GLN A 121 3.11 13.27 9.05
N ARG A 122 3.56 12.31 9.85
CA ARG A 122 4.88 11.71 9.72
C ARG A 122 5.01 10.92 8.42
N ILE A 123 3.92 10.27 8.02
CA ILE A 123 3.93 9.47 6.81
C ILE A 123 3.76 10.27 5.52
N GLU A 124 2.61 10.93 5.36
CA GLU A 124 2.34 11.68 4.13
C GLU A 124 3.26 12.85 3.81
N PHE A 125 3.48 13.73 4.77
CA PHE A 125 4.32 14.89 4.51
C PHE A 125 5.81 14.60 4.38
N ALA A 126 6.39 13.92 5.36
CA ALA A 126 7.82 13.65 5.32
C ALA A 126 8.22 12.42 4.49
N ARG A 127 7.69 11.25 4.82
CA ARG A 127 8.06 10.05 4.10
C ARG A 127 7.58 10.00 2.65
N LEU A 128 6.35 10.43 2.40
CA LEU A 128 5.83 10.38 1.04
C LEU A 128 6.06 11.64 0.24
N GLY A 129 6.38 12.73 0.93
CA GLY A 129 6.65 13.99 0.23
C GLY A 129 5.49 14.83 -0.25
N LEU A 130 4.30 14.65 0.31
CA LEU A 130 3.17 15.45 -0.10
C LEU A 130 3.36 16.88 0.42
N PRO A 131 3.28 17.86 -0.46
CA PRO A 131 3.45 19.27 -0.05
C PRO A 131 2.42 19.67 1.02
N LYS A 132 2.86 20.40 2.03
CA LYS A 132 1.95 20.87 3.07
C LYS A 132 1.19 22.06 2.47
N PRO A 133 -0.14 22.04 2.57
CA PRO A 133 -0.97 23.11 2.05
C PRO A 133 -0.78 24.43 2.81
N ASP A 134 -0.87 25.54 2.08
CA ASP A 134 -0.72 26.87 2.66
C ASP A 134 -1.97 27.18 3.49
N TRP A 135 -3.10 26.67 3.02
CA TRP A 135 -4.38 26.84 3.68
C TRP A 135 -5.19 25.55 3.60
N GLN A 136 -5.88 25.22 4.67
CA GLN A 136 -6.76 24.07 4.67
C GLN A 136 -8.09 24.71 5.05
N VAL A 137 -9.05 24.63 4.14
CA VAL A 137 -10.35 25.22 4.34
C VAL A 137 -11.37 24.15 4.69
N LEU A 138 -11.85 24.21 5.92
CA LEU A 138 -12.82 23.25 6.43
C LEU A 138 -14.24 23.71 6.17
N LEU A 139 -14.97 22.95 5.38
CA LEU A 139 -16.36 23.26 5.11
C LEU A 139 -17.10 22.51 6.20
N ALA A 140 -17.16 23.14 7.39
CA ALA A 140 -17.79 22.55 8.57
C ALA A 140 -19.29 22.39 8.46
N VAL A 141 -19.76 21.19 8.77
CA VAL A 141 -21.19 20.90 8.76
C VAL A 141 -21.49 19.99 9.95
N SER A 142 -22.58 20.30 10.66
CA SER A 142 -22.98 19.53 11.83
C SER A 142 -23.47 18.16 11.36
N ALA A 143 -23.44 17.18 12.25
CA ALA A 143 -23.89 15.84 11.89
C ALA A 143 -25.33 15.89 11.37
N GLU A 144 -26.18 16.68 12.01
CA GLU A 144 -27.58 16.78 11.61
C GLU A 144 -27.77 17.34 10.19
N LEU A 145 -27.04 18.40 9.85
CA LEU A 145 -27.18 18.99 8.51
C LEU A 145 -26.58 18.06 7.47
N ALA A 146 -25.49 17.39 7.85
CA ALA A 146 -24.82 16.45 6.94
C ALA A 146 -25.72 15.23 6.77
N GLY A 147 -26.24 14.74 7.90
CA GLY A 147 -27.10 13.58 7.86
C GLY A 147 -28.34 13.84 7.02
N GLU A 148 -28.73 15.10 6.93
CA GLU A 148 -29.90 15.48 6.15
C GLU A 148 -29.58 15.37 4.66
N ARG A 149 -28.34 15.69 4.30
CA ARG A 149 -27.96 15.64 2.90
C ARG A 149 -26.85 14.63 2.59
N ASP A 163 -20.90 2.49 1.04
CA ASP A 163 -19.78 1.74 1.61
C ASP A 163 -19.78 1.77 3.15
N ASN A 164 -18.77 1.11 3.73
CA ASN A 164 -18.65 1.03 5.18
C ASN A 164 -18.62 2.39 5.88
N TYR A 165 -17.94 3.36 5.28
CA TYR A 165 -17.82 4.68 5.86
C TYR A 165 -19.08 5.54 5.77
N GLU A 166 -19.54 5.80 4.54
CA GLU A 166 -20.73 6.62 4.32
C GLU A 166 -21.92 6.15 5.17
N ARG A 167 -22.10 4.83 5.26
CA ARG A 167 -23.21 4.25 6.02
C ARG A 167 -23.11 4.44 7.54
N ASP A 168 -21.91 4.77 8.04
CA ASP A 168 -21.71 4.95 9.47
C ASP A 168 -21.89 6.41 9.91
N ALA A 169 -23.09 6.73 10.37
CA ALA A 169 -23.39 8.09 10.82
C ALA A 169 -22.53 8.46 12.02
N GLU A 170 -22.29 7.51 12.92
CA GLU A 170 -21.46 7.75 14.09
C GLU A 170 -20.06 8.14 13.64
N LEU A 171 -19.55 7.43 12.64
CA LEU A 171 -18.22 7.71 12.11
C LEU A 171 -18.20 9.10 11.47
N GLN A 172 -19.21 9.41 10.66
CA GLN A 172 -19.30 10.71 10.00
C GLN A 172 -19.34 11.83 11.05
N GLN A 173 -20.10 11.62 12.12
CA GLN A 173 -20.17 12.62 13.18
C GLN A 173 -18.80 12.82 13.83
N ARG A 174 -18.18 11.74 14.30
CA ARG A 174 -16.86 11.85 14.95
C ARG A 174 -15.80 12.41 14.00
N THR A 175 -15.94 12.15 12.71
CA THR A 175 -15.00 12.66 11.71
C THR A 175 -15.13 14.18 11.67
N GLY A 176 -16.38 14.65 11.69
CA GLY A 176 -16.59 16.09 11.69
C GLY A 176 -15.95 16.72 12.91
N ALA A 177 -16.05 16.01 14.04
CA ALA A 177 -15.49 16.50 15.31
C ALA A 177 -13.96 16.60 15.26
N VAL A 178 -13.31 15.58 14.68
CA VAL A 178 -11.86 15.64 14.58
C VAL A 178 -11.45 16.78 13.63
N TYR A 179 -12.21 16.97 12.55
CA TYR A 179 -11.93 18.06 11.62
C TYR A 179 -11.96 19.40 12.37
N ALA A 180 -13.02 19.62 13.14
CA ALA A 180 -13.16 20.86 13.90
C ALA A 180 -11.94 21.09 14.79
N GLU A 181 -11.39 20.02 15.37
CA GLU A 181 -10.22 20.15 16.23
C GLU A 181 -8.92 20.34 15.45
N LEU A 182 -8.79 19.65 14.32
CA LEU A 182 -7.59 19.79 13.49
C LEU A 182 -7.47 21.26 13.09
N ALA A 183 -8.60 21.84 12.71
CA ALA A 183 -8.64 23.25 12.32
C ALA A 183 -8.24 24.19 13.49
N ALA A 184 -8.80 23.96 14.67
CA ALA A 184 -8.49 24.80 15.83
C ALA A 184 -7.03 24.70 16.25
N GLN A 185 -6.44 23.51 16.12
CA GLN A 185 -5.05 23.30 16.51
C GLN A 185 -4.03 23.59 15.42
N GLY A 186 -4.48 24.02 14.25
CA GLY A 186 -3.57 24.31 13.15
C GLY A 186 -2.74 23.11 12.71
N TRP A 187 -3.38 21.95 12.65
CA TRP A 187 -2.72 20.73 12.24
C TRP A 187 -2.18 20.89 10.82
N GLY A 188 -0.87 20.73 10.66
CA GLY A 188 -0.23 20.83 9.36
C GLY A 188 -0.20 22.18 8.68
N GLY A 189 -0.60 23.23 9.40
CA GLY A 189 -0.60 24.56 8.83
C GLY A 189 -1.82 25.35 9.25
N ARG A 190 -2.05 26.49 8.61
CA ARG A 190 -3.19 27.35 8.93
C ARG A 190 -4.51 26.85 8.34
N TRP A 191 -5.59 27.05 9.08
CA TRP A 191 -6.91 26.64 8.65
C TRP A 191 -7.89 27.81 8.63
N LEU A 192 -9.00 27.61 7.94
CA LEU A 192 -10.08 28.58 7.85
C LEU A 192 -11.35 27.76 7.87
N VAL A 193 -12.31 28.12 8.72
CA VAL A 193 -13.56 27.39 8.77
C VAL A 193 -14.59 28.22 8.04
N VAL A 194 -15.37 27.60 7.16
CA VAL A 194 -16.38 28.34 6.41
C VAL A 194 -17.67 27.55 6.23
N GLY A 195 -18.72 28.25 5.80
CA GLY A 195 -20.00 27.62 5.57
C GLY A 195 -20.23 27.59 4.06
N ALA A 196 -21.17 26.75 3.62
CA ALA A 196 -21.47 26.62 2.20
C ALA A 196 -22.06 27.91 1.61
N ASP A 197 -22.19 28.94 2.44
CA ASP A 197 -22.74 30.20 1.97
C ASP A 197 -21.67 31.29 1.99
N VAL A 198 -20.43 30.89 2.25
CA VAL A 198 -19.33 31.84 2.31
C VAL A 198 -19.24 32.59 0.98
N ASP A 199 -18.93 33.89 1.05
CA ASP A 199 -18.82 34.69 -0.17
C ASP A 199 -17.47 34.40 -0.82
N PRO A 200 -17.48 33.87 -2.06
CA PRO A 200 -16.27 33.54 -2.82
C PRO A 200 -15.22 34.63 -2.86
N GLY A 201 -15.62 35.83 -3.27
CA GLY A 201 -14.72 36.96 -3.36
C GLY A 201 -14.01 37.29 -2.06
N ARG A 202 -14.76 37.33 -0.97
CA ARG A 202 -14.16 37.63 0.34
C ARG A 202 -13.20 36.51 0.72
N LEU A 203 -13.59 35.27 0.41
CA LEU A 203 -12.75 34.12 0.73
C LEU A 203 -11.45 34.17 -0.06
N ALA A 204 -11.54 34.45 -1.35
CA ALA A 204 -10.35 34.53 -2.19
C ALA A 204 -9.44 35.64 -1.69
N ALA A 205 -10.03 36.74 -1.25
CA ALA A 205 -9.26 37.87 -0.74
C ALA A 205 -8.55 37.50 0.55
N THR A 206 -9.21 36.68 1.37
CA THR A 206 -8.63 36.24 2.64
C THR A 206 -7.50 35.23 2.41
N LEU A 207 -7.63 34.43 1.36
CA LEU A 207 -6.62 33.42 1.06
C LEU A 207 -5.51 33.93 0.15
N ALA A 208 -5.76 35.04 -0.53
CA ALA A 208 -4.77 35.60 -1.45
C ALA A 208 -3.37 35.70 -0.84
N MET B 1 13.79 -15.56 -19.42
CA MET B 1 13.70 -16.68 -18.43
C MET B 1 13.57 -16.13 -17.02
N LEU B 2 12.34 -16.13 -16.51
CA LEU B 2 12.06 -15.62 -15.17
C LEU B 2 11.87 -16.78 -14.20
N ILE B 3 12.74 -16.86 -13.20
CA ILE B 3 12.69 -17.92 -12.18
C ILE B 3 12.44 -17.34 -10.79
N ALA B 4 11.42 -17.87 -10.13
CA ALA B 4 11.06 -17.43 -8.79
C ALA B 4 11.46 -18.48 -7.75
N ILE B 5 12.18 -18.04 -6.73
CA ILE B 5 12.61 -18.92 -5.64
C ILE B 5 11.71 -18.69 -4.42
N GLU B 6 11.02 -19.73 -3.97
CA GLU B 6 10.10 -19.62 -2.85
C GLU B 6 10.52 -20.48 -1.66
N GLY B 7 9.89 -20.23 -0.51
CA GLY B 7 10.20 -20.97 0.70
C GLY B 7 9.95 -20.19 1.98
N VAL B 8 9.89 -20.90 3.10
CA VAL B 8 9.65 -20.28 4.39
C VAL B 8 10.87 -19.48 4.84
N ASP B 9 10.70 -18.73 5.92
CA ASP B 9 11.77 -17.93 6.48
C ASP B 9 12.90 -18.83 6.99
N GLY B 10 14.14 -18.47 6.69
CA GLY B 10 15.28 -19.26 7.13
C GLY B 10 15.50 -20.49 6.26
N ALA B 11 14.78 -20.59 5.15
CA ALA B 11 14.93 -21.75 4.27
C ALA B 11 16.28 -21.78 3.58
N GLY B 12 16.90 -20.61 3.39
CA GLY B 12 18.19 -20.54 2.73
C GLY B 12 18.10 -20.04 1.29
N LYS B 13 16.99 -19.40 0.96
CA LYS B 13 16.78 -18.89 -0.39
C LYS B 13 17.92 -18.03 -0.93
N ARG B 14 18.38 -17.05 -0.16
CA ARG B 14 19.48 -16.19 -0.59
C ARG B 14 20.60 -17.05 -1.14
N THR B 15 21.00 -18.06 -0.36
CA THR B 15 22.07 -18.96 -0.76
C THR B 15 21.77 -19.71 -2.04
N LEU B 16 20.58 -20.29 -2.13
CA LEU B 16 20.19 -21.02 -3.33
C LEU B 16 20.29 -20.12 -4.55
N VAL B 17 19.80 -18.89 -4.41
CA VAL B 17 19.83 -17.92 -5.50
C VAL B 17 21.27 -17.64 -5.90
N GLU B 18 22.16 -17.58 -4.92
CA GLU B 18 23.57 -17.33 -5.17
C GLU B 18 24.19 -18.46 -6.01
N LYS B 19 24.08 -19.69 -5.51
CA LYS B 19 24.62 -20.84 -6.20
C LYS B 19 24.05 -21.01 -7.60
N LEU B 20 22.75 -20.75 -7.74
CA LEU B 20 22.09 -20.89 -9.03
C LEU B 20 22.58 -19.83 -10.02
N SER B 21 22.80 -18.63 -9.54
CA SER B 21 23.28 -17.56 -10.43
C SER B 21 24.65 -17.92 -10.99
N GLY B 22 25.53 -18.45 -10.13
CA GLY B 22 26.85 -18.84 -10.57
C GLY B 22 26.77 -19.94 -11.62
N ALA B 23 26.05 -21.00 -11.30
CA ALA B 23 25.89 -22.11 -12.21
C ALA B 23 25.44 -21.61 -13.59
N PHE B 24 24.36 -20.83 -13.61
CA PHE B 24 23.84 -20.28 -14.86
C PHE B 24 24.91 -19.52 -15.62
N ARG B 25 25.62 -18.64 -14.91
CA ARG B 25 26.68 -17.85 -15.52
C ARG B 25 27.80 -18.75 -15.97
N ALA B 26 28.02 -19.83 -15.22
CA ALA B 26 29.07 -20.80 -15.56
C ALA B 26 28.74 -21.43 -16.91
N ALA B 27 27.46 -21.66 -17.16
CA ALA B 27 27.01 -22.24 -18.42
C ALA B 27 26.86 -21.13 -19.46
N GLY B 28 27.50 -19.99 -19.18
CA GLY B 28 27.47 -18.84 -20.08
C GLY B 28 26.21 -18.01 -20.20
N ARG B 29 25.27 -18.16 -19.27
CA ARG B 29 24.04 -17.40 -19.34
C ARG B 29 24.10 -16.17 -18.44
N SER B 30 23.66 -15.02 -18.96
CA SER B 30 23.67 -13.81 -18.16
C SER B 30 22.54 -13.88 -17.14
N VAL B 31 22.86 -13.58 -15.89
CA VAL B 31 21.88 -13.65 -14.83
C VAL B 31 21.70 -12.36 -14.04
N ALA B 32 20.46 -12.09 -13.68
CA ALA B 32 20.10 -10.93 -12.88
C ALA B 32 19.15 -11.45 -11.81
N THR B 33 19.30 -10.94 -10.59
CA THR B 33 18.45 -11.35 -9.50
C THR B 33 17.78 -10.16 -8.84
N LEU B 34 16.56 -10.38 -8.34
CA LEU B 34 15.78 -9.35 -7.68
C LEU B 34 15.03 -10.01 -6.52
N ALA B 35 15.05 -9.38 -5.35
CA ALA B 35 14.37 -9.92 -4.19
C ALA B 35 13.20 -9.07 -3.70
N PHE B 36 12.15 -9.75 -3.25
CA PHE B 36 10.98 -9.08 -2.72
C PHE B 36 10.88 -9.51 -1.26
N PRO B 37 10.44 -8.59 -0.37
CA PRO B 37 10.04 -7.21 -0.71
C PRO B 37 11.25 -6.35 -1.04
N ARG B 38 11.05 -5.35 -1.88
CA ARG B 38 12.14 -4.46 -2.28
C ARG B 38 12.45 -3.40 -1.23
N TYR B 39 13.00 -3.82 -0.10
CA TYR B 39 13.34 -2.88 0.95
C TYR B 39 14.25 -1.80 0.37
N GLY B 40 13.98 -0.55 0.74
CA GLY B 40 14.78 0.56 0.27
C GLY B 40 14.37 1.11 -1.09
N GLN B 41 13.62 0.33 -1.87
CA GLN B 41 13.20 0.76 -3.20
C GLN B 41 11.68 0.91 -3.28
N SER B 42 11.02 0.80 -2.14
CA SER B 42 9.57 0.87 -2.12
C SER B 42 9.06 1.24 -0.74
N VAL B 43 8.24 2.28 -0.69
CA VAL B 43 7.66 2.71 0.58
C VAL B 43 6.71 1.62 1.05
N ALA B 44 6.01 0.99 0.11
CA ALA B 44 5.09 -0.08 0.44
C ALA B 44 5.84 -1.22 1.14
N ALA B 45 7.02 -1.56 0.63
CA ALA B 45 7.84 -2.63 1.21
C ALA B 45 8.35 -2.25 2.61
N ASP B 46 8.86 -1.03 2.74
CA ASP B 46 9.40 -0.54 4.01
C ASP B 46 8.33 -0.49 5.11
N ILE B 47 7.15 -0.02 4.77
CA ILE B 47 6.08 0.07 5.74
C ILE B 47 5.65 -1.35 6.15
N ALA B 48 5.73 -2.28 5.20
CA ALA B 48 5.37 -3.66 5.47
C ALA B 48 6.34 -4.27 6.49
N ALA B 49 7.63 -4.02 6.30
CA ALA B 49 8.64 -4.55 7.21
C ALA B 49 8.48 -3.96 8.60
N GLU B 50 8.29 -2.64 8.66
CA GLU B 50 8.12 -1.96 9.95
C GLU B 50 6.88 -2.47 10.66
N ALA B 51 5.86 -2.80 9.86
CA ALA B 51 4.60 -3.31 10.37
C ALA B 51 4.79 -4.71 10.96
N LEU B 52 5.61 -5.54 10.33
CA LEU B 52 5.86 -6.88 10.85
C LEU B 52 6.63 -6.80 12.17
N HIS B 53 7.16 -5.62 12.48
CA HIS B 53 7.87 -5.44 13.74
C HIS B 53 7.04 -4.67 14.75
N GLY B 54 5.72 -4.70 14.55
CA GLY B 54 4.81 -4.03 15.46
C GLY B 54 4.46 -2.58 15.21
N GLU B 55 5.07 -1.95 14.21
CA GLU B 55 4.76 -0.55 13.95
C GLU B 55 3.49 -0.38 13.11
N HIS B 56 3.08 0.87 12.94
CA HIS B 56 1.90 1.21 12.16
C HIS B 56 0.57 0.67 12.66
N GLY B 57 0.32 0.89 13.95
CA GLY B 57 -0.93 0.46 14.56
C GLY B 57 -1.43 -0.93 14.25
N ASP B 58 -2.66 -1.02 13.75
CA ASP B 58 -3.29 -2.31 13.46
C ASP B 58 -3.01 -2.82 12.05
N LEU B 59 -2.07 -2.22 11.35
CA LEU B 59 -1.76 -2.63 9.99
C LEU B 59 -1.55 -4.13 9.83
N ALA B 60 -0.54 -4.66 10.50
CA ALA B 60 -0.19 -6.08 10.42
C ALA B 60 -1.29 -7.05 10.83
N SER B 61 -2.29 -6.58 11.56
CA SER B 61 -3.37 -7.45 12.00
C SER B 61 -4.27 -7.89 10.84
N SER B 62 -4.22 -7.16 9.74
CA SER B 62 -5.03 -7.53 8.58
C SER B 62 -4.21 -8.37 7.59
N VAL B 63 -4.66 -9.59 7.35
CA VAL B 63 -3.98 -10.48 6.41
C VAL B 63 -3.97 -9.86 5.00
N TYR B 64 -5.13 -9.41 4.54
CA TYR B 64 -5.23 -8.82 3.20
C TYR B 64 -4.52 -7.47 3.06
N ALA B 65 -4.40 -6.73 4.14
CA ALA B 65 -3.71 -5.44 4.08
C ALA B 65 -2.24 -5.72 3.86
N MET B 66 -1.72 -6.75 4.52
CA MET B 66 -0.30 -7.08 4.35
C MET B 66 -0.08 -7.62 2.95
N ALA B 67 -0.97 -8.50 2.50
CA ALA B 67 -0.85 -9.05 1.15
C ALA B 67 -0.90 -7.91 0.12
N THR B 68 -1.76 -6.93 0.36
CA THR B 68 -1.89 -5.80 -0.55
C THR B 68 -0.60 -4.99 -0.68
N LEU B 69 0.03 -4.69 0.45
CA LEU B 69 1.28 -3.92 0.41
C LEU B 69 2.35 -4.66 -0.37
N PHE B 70 2.43 -5.99 -0.18
CA PHE B 70 3.43 -6.76 -0.91
C PHE B 70 3.06 -6.75 -2.40
N ALA B 71 1.76 -6.85 -2.70
CA ALA B 71 1.32 -6.83 -4.09
C ALA B 71 1.60 -5.45 -4.70
N LEU B 72 1.35 -4.39 -3.93
CA LEU B 72 1.59 -3.03 -4.42
C LEU B 72 3.07 -2.82 -4.68
N ASP B 73 3.91 -3.46 -3.86
CA ASP B 73 5.36 -3.36 -4.04
C ASP B 73 5.73 -3.98 -5.39
N ARG B 74 5.28 -5.20 -5.65
CA ARG B 74 5.58 -5.86 -6.92
C ARG B 74 5.04 -5.06 -8.11
N ALA B 75 3.84 -4.50 -7.97
CA ALA B 75 3.25 -3.71 -9.05
C ALA B 75 4.20 -2.59 -9.45
N GLY B 76 4.81 -1.95 -8.47
CA GLY B 76 5.74 -0.88 -8.76
C GLY B 76 7.06 -1.42 -9.30
N ALA B 77 7.14 -2.74 -9.44
CA ALA B 77 8.35 -3.39 -9.93
C ALA B 77 8.17 -4.00 -11.32
N VAL B 78 6.97 -3.87 -11.88
CA VAL B 78 6.66 -4.41 -13.20
C VAL B 78 7.65 -4.01 -14.30
N HIS B 79 7.92 -2.72 -14.43
CA HIS B 79 8.86 -2.29 -15.46
C HIS B 79 10.28 -2.76 -15.14
N THR B 80 10.61 -2.86 -13.86
CA THR B 80 11.93 -3.31 -13.45
C THR B 80 12.14 -4.76 -13.88
N ILE B 81 11.14 -5.59 -13.64
CA ILE B 81 11.21 -7.01 -13.99
C ILE B 81 11.23 -7.24 -15.50
N GLN B 82 10.49 -6.42 -16.23
CA GLN B 82 10.46 -6.52 -17.69
C GLN B 82 11.79 -6.03 -18.21
N GLY B 83 12.36 -5.04 -17.53
CA GLY B 83 13.65 -4.50 -17.94
C GLY B 83 14.77 -5.51 -17.75
N LEU B 84 14.69 -6.30 -16.68
CA LEU B 84 15.71 -7.30 -16.41
C LEU B 84 15.63 -8.44 -17.41
N CYS B 85 14.41 -8.92 -17.64
CA CYS B 85 14.20 -10.01 -18.57
C CYS B 85 14.71 -9.64 -19.97
N ARG B 86 14.73 -8.34 -20.26
CA ARG B 86 15.19 -7.85 -21.55
C ARG B 86 16.71 -7.79 -21.60
N GLY B 87 17.33 -7.47 -20.46
CA GLY B 87 18.78 -7.34 -20.42
C GLY B 87 19.59 -8.56 -20.04
N TYR B 88 18.94 -9.64 -19.63
CA TYR B 88 19.67 -10.86 -19.25
C TYR B 88 18.91 -12.09 -19.68
N ASP B 89 19.62 -13.20 -19.79
CA ASP B 89 19.01 -14.46 -20.20
C ASP B 89 18.17 -15.07 -19.09
N VAL B 90 18.64 -14.90 -17.86
CA VAL B 90 17.95 -15.42 -16.68
C VAL B 90 17.78 -14.40 -15.59
N VAL B 91 16.53 -14.20 -15.18
CA VAL B 91 16.20 -13.28 -14.10
C VAL B 91 15.72 -14.16 -12.95
N ILE B 92 16.37 -14.03 -11.80
CA ILE B 92 16.01 -14.81 -10.63
C ILE B 92 15.45 -13.93 -9.52
N LEU B 93 14.26 -14.29 -9.06
CA LEU B 93 13.59 -13.55 -8.00
C LEU B 93 13.60 -14.30 -6.69
N ASP B 94 14.11 -13.64 -5.66
CA ASP B 94 14.15 -14.19 -4.31
C ASP B 94 12.79 -13.80 -3.74
N ARG B 95 11.85 -14.74 -3.75
CA ARG B 95 10.47 -14.54 -3.31
C ARG B 95 9.70 -13.83 -4.41
N TYR B 96 8.42 -14.16 -4.55
CA TYR B 96 7.55 -13.56 -5.57
C TYR B 96 6.08 -13.76 -5.16
N VAL B 97 5.19 -13.69 -6.14
CA VAL B 97 3.75 -13.83 -5.91
C VAL B 97 3.31 -15.00 -5.04
N ALA B 98 3.90 -16.17 -5.24
CA ALA B 98 3.53 -17.34 -4.45
C ALA B 98 3.74 -17.13 -2.95
N SER B 99 4.68 -16.25 -2.58
CA SER B 99 4.92 -15.96 -1.16
C SER B 99 3.63 -15.42 -0.55
N ASN B 100 3.04 -14.44 -1.23
CA ASN B 100 1.81 -13.84 -0.76
C ASN B 100 0.71 -14.87 -0.59
N ALA B 101 0.60 -15.77 -1.54
CA ALA B 101 -0.43 -16.80 -1.48
C ALA B 101 -0.19 -17.76 -0.31
N ALA B 102 1.05 -18.23 -0.17
CA ALA B 102 1.37 -19.17 0.90
C ALA B 102 1.18 -18.56 2.28
N TYR B 103 1.79 -17.41 2.54
CA TYR B 103 1.65 -16.75 3.84
C TYR B 103 0.23 -16.30 4.18
N SER B 104 -0.47 -15.68 3.22
CA SER B 104 -1.83 -15.22 3.46
C SER B 104 -2.73 -16.40 3.81
N ALA B 105 -2.64 -17.48 3.04
CA ALA B 105 -3.45 -18.66 3.33
C ALA B 105 -3.09 -19.18 4.71
N ALA B 106 -1.79 -19.32 4.98
CA ALA B 106 -1.32 -19.80 6.27
C ALA B 106 -1.86 -18.94 7.43
N ARG B 107 -1.79 -17.61 7.32
CA ARG B 107 -2.31 -16.74 8.39
C ARG B 107 -3.83 -16.91 8.61
N LEU B 108 -4.55 -17.35 7.60
CA LEU B 108 -6.00 -17.54 7.71
C LEU B 108 -6.38 -19.01 7.94
N HIS B 109 -5.38 -19.85 8.17
CA HIS B 109 -5.63 -21.28 8.36
C HIS B 109 -6.41 -21.86 7.18
N GLU B 110 -6.06 -21.40 5.98
CA GLU B 110 -6.67 -21.88 4.75
C GLU B 110 -5.61 -22.68 4.02
N ASN B 111 -6.01 -23.45 3.01
CA ASN B 111 -5.05 -24.21 2.22
C ASN B 111 -5.06 -23.59 0.83
N ALA B 112 -4.49 -24.30 -0.14
CA ALA B 112 -4.41 -23.80 -1.51
C ALA B 112 -5.77 -23.61 -2.15
N ALA B 113 -6.79 -24.28 -1.64
CA ALA B 113 -8.13 -24.17 -2.20
C ALA B 113 -8.96 -23.07 -1.54
N GLY B 114 -8.33 -22.30 -0.65
CA GLY B 114 -9.01 -21.23 0.05
C GLY B 114 -9.16 -19.95 -0.74
N LYS B 115 -9.96 -19.02 -0.23
CA LYS B 115 -10.19 -17.75 -0.92
C LYS B 115 -8.96 -16.88 -1.08
N ALA B 116 -8.08 -16.84 -0.08
CA ALA B 116 -6.88 -16.00 -0.14
C ALA B 116 -5.97 -16.32 -1.31
N ALA B 117 -5.69 -17.62 -1.52
CA ALA B 117 -4.83 -18.04 -2.61
C ALA B 117 -5.38 -17.57 -3.95
N ALA B 118 -6.67 -17.82 -4.16
CA ALA B 118 -7.33 -17.43 -5.39
C ALA B 118 -7.32 -15.90 -5.52
N TRP B 119 -7.54 -15.22 -4.40
CA TRP B 119 -7.55 -13.77 -4.37
C TRP B 119 -6.20 -13.22 -4.82
N VAL B 120 -5.12 -13.77 -4.25
CA VAL B 120 -3.80 -13.30 -4.62
C VAL B 120 -3.58 -13.50 -6.12
N GLN B 121 -4.04 -14.63 -6.64
CA GLN B 121 -3.92 -14.96 -8.05
C GLN B 121 -4.56 -13.90 -8.95
N ARG B 122 -5.81 -13.54 -8.65
CA ARG B 122 -6.54 -12.53 -9.42
C ARG B 122 -5.92 -11.15 -9.33
N ILE B 123 -5.59 -10.74 -8.10
CA ILE B 123 -5.01 -9.43 -7.86
C ILE B 123 -3.70 -9.16 -8.57
N GLU B 124 -2.72 -10.04 -8.36
CA GLU B 124 -1.40 -9.83 -8.95
C GLU B 124 -1.17 -10.25 -10.40
N PHE B 125 -1.66 -11.43 -10.79
CA PHE B 125 -1.46 -11.87 -12.16
C PHE B 125 -2.48 -11.32 -13.16
N ALA B 126 -3.74 -11.19 -12.75
CA ALA B 126 -4.76 -10.69 -13.66
C ALA B 126 -4.98 -9.18 -13.63
N ARG B 127 -4.99 -8.58 -12.45
CA ARG B 127 -5.22 -7.15 -12.37
C ARG B 127 -3.97 -6.27 -12.42
N LEU B 128 -2.95 -6.64 -11.67
CA LEU B 128 -1.73 -5.84 -11.66
C LEU B 128 -0.79 -6.22 -12.79
N GLY B 129 -1.18 -7.25 -13.54
CA GLY B 129 -0.38 -7.71 -14.67
C GLY B 129 1.05 -8.12 -14.38
N LEU B 130 1.27 -8.87 -13.31
CA LEU B 130 2.61 -9.32 -12.99
C LEU B 130 3.01 -10.46 -13.91
N PRO B 131 4.23 -10.40 -14.48
CA PRO B 131 4.69 -11.45 -15.38
C PRO B 131 4.74 -12.82 -14.72
N LYS B 132 4.09 -13.80 -15.36
CA LYS B 132 4.07 -15.15 -14.83
C LYS B 132 5.50 -15.67 -14.87
N PRO B 133 5.93 -16.38 -13.82
CA PRO B 133 7.30 -16.88 -13.87
C PRO B 133 7.32 -18.22 -14.61
N ASP B 134 8.37 -18.44 -15.38
CA ASP B 134 8.49 -19.70 -16.11
C ASP B 134 8.70 -20.84 -15.10
N TRP B 135 9.43 -20.53 -14.03
CA TRP B 135 9.71 -21.54 -13.01
C TRP B 135 9.50 -21.03 -11.59
N GLN B 136 8.87 -21.87 -10.78
CA GLN B 136 8.68 -21.55 -9.37
C GLN B 136 9.34 -22.70 -8.63
N VAL B 137 10.48 -22.40 -8.01
CA VAL B 137 11.27 -23.37 -7.27
C VAL B 137 11.05 -23.26 -5.77
N LEU B 138 10.44 -24.30 -5.20
CA LEU B 138 10.21 -24.35 -3.77
C LEU B 138 11.38 -25.02 -3.07
N LEU B 139 12.10 -24.26 -2.27
CA LEU B 139 13.22 -24.80 -1.50
C LEU B 139 12.62 -25.30 -0.18
N ALA B 140 12.23 -26.57 -0.15
CA ALA B 140 11.63 -27.18 1.03
C ALA B 140 12.72 -27.47 2.04
N VAL B 141 12.43 -27.24 3.32
CA VAL B 141 13.43 -27.44 4.37
C VAL B 141 12.79 -27.84 5.70
N SER B 142 13.63 -28.29 6.64
CA SER B 142 13.16 -28.69 7.96
C SER B 142 12.63 -27.45 8.65
N ALA B 143 11.43 -27.56 9.23
CA ALA B 143 10.79 -26.45 9.92
C ALA B 143 11.61 -26.02 11.12
N GLU B 144 12.20 -27.00 11.79
CA GLU B 144 13.02 -26.77 12.98
C GLU B 144 14.31 -26.05 12.57
N LEU B 145 14.97 -26.56 11.54
CA LEU B 145 16.20 -25.97 11.07
C LEU B 145 15.97 -24.56 10.53
N ALA B 146 14.85 -24.36 9.84
CA ALA B 146 14.52 -23.04 9.30
C ALA B 146 14.30 -22.08 10.47
N GLY B 147 13.50 -22.53 11.45
CA GLY B 147 13.23 -21.70 12.60
C GLY B 147 14.51 -21.31 13.31
N GLU B 148 15.42 -22.27 13.46
CA GLU B 148 16.69 -22.03 14.13
C GLU B 148 17.56 -21.07 13.33
N ARG B 149 17.53 -21.20 12.00
CA ARG B 149 18.32 -20.33 11.12
C ARG B 149 17.91 -18.87 11.31
N SER B 150 16.61 -18.62 11.37
CA SER B 150 16.10 -17.26 11.55
C SER B 150 16.53 -16.76 12.93
N ARG B 151 16.38 -17.62 13.93
CA ARG B 151 16.76 -17.30 15.29
C ARG B 151 18.24 -16.91 15.33
N GLY B 152 19.07 -17.73 14.69
CA GLY B 152 20.50 -17.46 14.67
C GLY B 152 20.85 -16.23 13.85
N ARG B 153 20.38 -16.20 12.60
CA ARG B 153 20.63 -15.07 11.72
C ARG B 153 19.74 -13.91 12.14
N ALA B 154 19.85 -13.55 13.41
CA ALA B 154 19.08 -12.45 13.97
C ALA B 154 19.60 -12.11 15.36
N ARG B 160 19.29 -6.37 13.93
CA ARG B 160 18.21 -7.12 13.29
C ARG B 160 17.55 -8.10 14.25
N ALA B 161 16.22 -8.05 14.30
CA ALA B 161 15.44 -8.92 15.16
C ALA B 161 14.33 -9.59 14.35
N ARG B 162 13.85 -10.74 14.80
CA ARG B 162 12.83 -11.47 14.09
C ARG B 162 11.49 -10.72 14.10
N ASP B 163 10.77 -10.78 12.98
CA ASP B 163 9.47 -10.10 12.90
C ASP B 163 8.37 -11.04 13.36
N ASN B 164 7.14 -10.55 13.36
CA ASN B 164 6.01 -11.33 13.81
C ASN B 164 5.67 -12.58 13.00
N TYR B 165 6.20 -12.70 11.78
CA TYR B 165 5.94 -13.89 10.98
C TYR B 165 6.95 -14.97 11.37
N GLU B 166 8.20 -14.57 11.52
CA GLU B 166 9.30 -15.46 11.88
C GLU B 166 9.18 -16.04 13.27
N ARG B 167 8.60 -15.30 14.20
CA ARG B 167 8.45 -15.80 15.57
C ARG B 167 7.26 -16.74 15.68
N ASP B 168 6.45 -16.80 14.62
CA ASP B 168 5.26 -17.65 14.63
C ASP B 168 5.58 -19.03 14.04
N ALA B 169 6.09 -19.92 14.89
CA ALA B 169 6.46 -21.25 14.45
C ALA B 169 5.33 -21.98 13.72
N GLU B 170 4.09 -21.87 14.20
CA GLU B 170 2.99 -22.55 13.53
C GLU B 170 2.66 -21.90 12.20
N LEU B 171 2.76 -20.57 12.11
CA LEU B 171 2.51 -19.92 10.85
C LEU B 171 3.50 -20.47 9.81
N GLN B 172 4.78 -20.58 10.19
CA GLN B 172 5.82 -21.07 9.31
C GLN B 172 5.57 -22.50 8.83
N GLN B 173 5.08 -23.36 9.72
CA GLN B 173 4.79 -24.75 9.36
C GLN B 173 3.63 -24.80 8.37
N ARG B 174 2.58 -24.04 8.65
CA ARG B 174 1.43 -24.02 7.74
C ARG B 174 1.82 -23.40 6.40
N THR B 175 2.72 -22.42 6.43
CA THR B 175 3.15 -21.79 5.18
C THR B 175 3.93 -22.81 4.36
N GLY B 176 4.68 -23.67 5.04
CA GLY B 176 5.44 -24.69 4.34
C GLY B 176 4.48 -25.64 3.64
N ALA B 177 3.43 -26.02 4.36
CA ALA B 177 2.40 -26.92 3.86
C ALA B 177 1.60 -26.33 2.68
N VAL B 178 1.20 -25.07 2.79
CA VAL B 178 0.45 -24.44 1.72
C VAL B 178 1.35 -24.40 0.47
N TYR B 179 2.62 -24.05 0.67
CA TYR B 179 3.58 -24.02 -0.42
C TYR B 179 3.62 -25.37 -1.17
N ALA B 180 3.67 -26.46 -0.42
CA ALA B 180 3.71 -27.79 -1.02
C ALA B 180 2.47 -28.05 -1.88
N GLU B 181 1.31 -27.55 -1.44
CA GLU B 181 0.09 -27.74 -2.21
C GLU B 181 0.14 -26.91 -3.49
N LEU B 182 0.64 -25.69 -3.38
CA LEU B 182 0.75 -24.81 -4.53
C LEU B 182 1.65 -25.49 -5.58
N ALA B 183 2.82 -25.95 -5.14
CA ALA B 183 3.76 -26.60 -6.03
C ALA B 183 3.20 -27.84 -6.71
N ALA B 184 2.51 -28.67 -5.92
CA ALA B 184 1.93 -29.91 -6.43
C ALA B 184 0.87 -29.70 -7.51
N GLN B 185 0.14 -28.59 -7.43
CA GLN B 185 -0.89 -28.30 -8.40
C GLN B 185 -0.51 -27.30 -9.50
N GLY B 186 0.76 -26.93 -9.55
CA GLY B 186 1.21 -25.99 -10.57
C GLY B 186 0.55 -24.62 -10.49
N TRP B 187 0.32 -24.15 -9.27
CA TRP B 187 -0.31 -22.85 -9.05
C TRP B 187 0.54 -21.76 -9.71
N GLY B 188 -0.07 -21.02 -10.62
CA GLY B 188 0.64 -19.95 -11.31
C GLY B 188 1.73 -20.40 -12.26
N GLY B 189 1.71 -21.67 -12.66
CA GLY B 189 2.73 -22.17 -13.56
C GLY B 189 3.42 -23.40 -13.04
N ARG B 190 4.53 -23.78 -13.68
CA ARG B 190 5.30 -24.96 -13.31
C ARG B 190 6.25 -24.74 -12.14
N TRP B 191 6.24 -25.70 -11.22
CA TRP B 191 7.09 -25.65 -10.03
C TRP B 191 8.16 -26.76 -10.02
N LEU B 192 9.15 -26.56 -9.16
CA LEU B 192 10.23 -27.51 -8.99
C LEU B 192 10.54 -27.51 -7.49
N VAL B 193 10.36 -28.64 -6.83
CA VAL B 193 10.62 -28.73 -5.41
C VAL B 193 12.01 -29.30 -5.16
N VAL B 194 12.82 -28.57 -4.40
CA VAL B 194 14.18 -29.03 -4.11
C VAL B 194 14.56 -28.93 -2.63
N GLY B 195 15.67 -29.57 -2.29
CA GLY B 195 16.18 -29.55 -0.93
C GLY B 195 17.44 -28.69 -0.86
N ALA B 196 17.92 -28.41 0.34
CA ALA B 196 19.11 -27.58 0.50
C ALA B 196 20.35 -28.19 -0.14
N ASP B 197 20.38 -29.51 -0.24
CA ASP B 197 21.52 -30.22 -0.81
C ASP B 197 21.36 -30.46 -2.32
N VAL B 198 20.75 -29.51 -3.02
CA VAL B 198 20.56 -29.64 -4.47
C VAL B 198 21.79 -29.14 -5.20
N ASP B 199 22.14 -29.84 -6.29
CA ASP B 199 23.30 -29.45 -7.09
C ASP B 199 22.93 -28.27 -7.99
N PRO B 200 23.61 -27.13 -7.81
CA PRO B 200 23.38 -25.91 -8.60
C PRO B 200 23.46 -26.18 -10.08
N GLY B 201 24.60 -26.72 -10.52
CA GLY B 201 24.80 -27.02 -11.92
C GLY B 201 23.71 -27.88 -12.53
N ARG B 202 23.24 -28.88 -11.78
CA ARG B 202 22.20 -29.76 -12.28
C ARG B 202 20.85 -29.04 -12.31
N LEU B 203 20.58 -28.26 -11.27
CA LEU B 203 19.35 -27.51 -11.18
C LEU B 203 19.27 -26.53 -12.34
N ALA B 204 20.37 -25.81 -12.54
CA ALA B 204 20.47 -24.83 -13.62
C ALA B 204 20.23 -25.50 -14.96
N ALA B 205 20.89 -26.63 -15.18
CA ALA B 205 20.74 -27.38 -16.43
C ALA B 205 19.31 -27.84 -16.56
N THR B 206 18.67 -28.11 -15.43
CA THR B 206 17.29 -28.56 -15.42
C THR B 206 16.33 -27.43 -15.81
N LEU B 207 16.45 -26.30 -15.12
CA LEU B 207 15.59 -25.14 -15.39
C LEU B 207 15.80 -24.57 -16.79
N ALA B 208 17.05 -24.55 -17.24
CA ALA B 208 17.36 -24.02 -18.57
C ALA B 208 17.99 -25.08 -19.46
C ACT C . 6.97 6.16 11.39
O ACT C . 7.30 5.62 10.26
OXT ACT C . 5.96 5.87 12.09
CH3 ACT C . 7.78 7.24 11.99
C ACT D . -19.31 16.62 -1.07
O ACT D . -19.54 15.37 -0.76
OXT ACT D . -18.88 17.54 -0.29
CH3 ACT D . -19.56 17.12 -2.46
P TMP E . -14.52 10.23 -1.08
O1P TMP E . -16.00 9.97 -0.51
O2P TMP E . -14.43 9.69 -2.69
O3P TMP E . -14.18 11.88 -1.06
O5' TMP E . -13.46 9.45 -0.23
C5' TMP E . -13.45 7.97 -0.05
C4' TMP E . -13.54 7.65 1.45
O4' TMP E . -12.20 7.48 1.97
C3' TMP E . -14.25 8.69 2.35
O3' TMP E . -15.19 7.99 3.15
C2' TMP E . -13.18 9.29 3.26
C1' TMP E . -11.94 8.47 2.96
N1 TMP E . -10.56 8.91 3.02
C2 TMP E . -9.73 8.62 4.12
O2 TMP E . -10.09 7.98 5.12
N3 TMP E . -8.44 9.14 3.98
C4 TMP E . -7.96 9.87 2.88
O4 TMP E . -6.81 10.29 2.86
C5 TMP E . -8.90 10.13 1.79
C5M TMP E . -8.47 10.90 0.57
C6 TMP E . -10.19 9.60 1.93
MG MG F . 12.28 -13.55 6.15
PA TYD G . 11.25 -11.70 3.65
O1A TYD G . 11.69 -11.89 2.21
O2A TYD G . 11.36 -12.81 4.58
O3A TYD G . 12.06 -10.47 4.30
PB TYD G . 13.27 -10.31 5.37
O1B TYD G . 14.43 -10.07 4.50
O2B TYD G . 13.39 -11.61 6.12
O3B TYD G . 12.84 -9.16 6.17
O5' TYD G . 9.71 -11.20 3.65
C5' TYD G . 9.13 -10.64 4.83
C4' TYD G . 8.06 -11.52 5.44
O4' TYD G . 6.81 -11.28 4.82
C3' TYD G . 8.27 -13.04 5.39
O3' TYD G . 7.86 -13.44 6.69
C2' TYD G . 7.39 -13.54 4.27
C1' TYD G . 6.30 -12.45 4.14
N1 TYD G . 5.91 -12.12 2.72
C2 TYD G . 4.55 -12.23 2.37
O2 TYD G . 3.68 -12.57 3.19
N3 TYD G . 4.22 -11.93 1.03
C4 TYD G . 5.13 -11.54 0.04
O4 TYD G . 4.71 -11.31 -1.10
C5 TYD G . 6.52 -11.46 0.48
C5M TYD G . 7.62 -11.04 -0.50
C6 TYD G . 6.86 -11.74 1.76
P1 DPO H . 19.06 -17.53 3.80
O1 DPO H . 19.91 -17.85 2.57
O2 DPO H . 19.70 -16.59 4.69
O4 DPO H . 17.54 -17.06 3.26
P2 DPO H . 16.03 -17.41 3.67
O5 DPO H . 15.26 -18.45 2.93
O6 DPO H . 15.30 -16.42 4.48
O7 DPO H . 15.87 -16.54 2.51
#